data_6IUI
#
_entry.id   6IUI
#
_cell.length_a   128.803
_cell.length_b   128.803
_cell.length_c   47.644
_cell.angle_alpha   90.000
_cell.angle_beta   90.000
_cell.angle_gamma   90.000
#
_symmetry.space_group_name_H-M   'I 4'
#
loop_
_entity.id
_entity.type
_entity.pdbx_description
1 polymer 'ARF GTPase-activating protein GIT1'
2 polymer Paxillin
#
loop_
_entity_poly.entity_id
_entity_poly.type
_entity_poly.pdbx_seq_one_letter_code
_entity_poly.pdbx_strand_id
1 'polypeptide(L)'
;GPGSEFDPGLPSTEDVILKTEQVTKNIQELLRAAQEFKHDSFVPCSEKIHLAVTEMASLFPKRPALEPVRSSLRLLNASA
YRLQSECRKTVPPEPGAPVDFQLLTQQVIQCAYDIAKAAKQLVTITTREKKQ
;
A,B
2 'polypeptide(L)' GPGSEFSATRELDELMASLSDFKFMAQG C,D
#
# COMPACT_ATOMS: atom_id res chain seq x y z
N GLY A 9 -2.12 2.85 23.51
CA GLY A 9 -0.93 2.75 22.68
C GLY A 9 -1.09 1.77 21.54
N LEU A 10 -0.06 0.96 21.31
CA LEU A 10 -0.09 -0.03 20.24
C LEU A 10 0.14 -1.43 20.79
N PRO A 11 -0.44 -2.46 20.13
CA PRO A 11 -0.18 -3.83 20.54
C PRO A 11 1.26 -4.22 20.23
N SER A 12 1.74 -5.30 20.84
CA SER A 12 3.09 -5.78 20.56
C SER A 12 3.13 -6.44 19.19
N THR A 13 4.30 -6.49 18.58
CA THR A 13 4.47 -7.12 17.28
C THR A 13 4.15 -8.61 17.38
N GLU A 14 4.51 -9.20 18.51
CA GLU A 14 4.30 -10.62 18.74
C GLU A 14 2.81 -10.96 18.79
N ASP A 15 2.02 -10.06 19.36
CA ASP A 15 0.58 -10.25 19.45
C ASP A 15 -0.09 -10.11 18.09
N VAL A 16 0.35 -9.13 17.31
CA VAL A 16 -0.20 -8.89 15.98
C VAL A 16 0.04 -10.10 15.08
N ILE A 17 1.27 -10.60 15.09
CA ILE A 17 1.62 -11.81 14.35
C ILE A 17 0.76 -12.98 14.80
N LEU A 18 0.58 -13.10 16.11
CA LEU A 18 -0.20 -14.17 16.70
C LEU A 18 -1.64 -14.20 16.18
N LYS A 19 -2.20 -13.02 15.96
CA LYS A 19 -3.54 -12.90 15.40
C LYS A 19 -3.53 -13.06 13.89
N THR A 20 -2.43 -12.63 13.27
CA THR A 20 -2.27 -12.73 11.83
C THR A 20 -2.26 -14.18 11.36
N GLU A 21 -1.66 -15.05 12.19
CA GLU A 21 -1.53 -16.46 11.86
C GLU A 21 -2.87 -17.13 11.58
N GLN A 22 -3.88 -16.77 12.36
CA GLN A 22 -5.21 -17.36 12.20
C GLN A 22 -5.91 -16.77 10.97
N VAL A 23 -5.47 -15.59 10.55
CA VAL A 23 -6.03 -14.96 9.36
C VAL A 23 -5.48 -15.61 8.10
N THR A 24 -4.16 -15.76 8.04
CA THR A 24 -3.50 -16.36 6.88
C THR A 24 -3.92 -17.81 6.71
N LYS A 25 -4.09 -18.52 7.83
CA LYS A 25 -4.51 -19.91 7.82
C LYS A 25 -5.84 -20.10 7.11
N ASN A 26 -6.79 -19.21 7.38
CA ASN A 26 -8.12 -19.28 6.80
C ASN A 26 -8.15 -18.78 5.37
N ILE A 27 -7.29 -17.82 5.04
CA ILE A 27 -7.17 -17.33 3.67
C ILE A 27 -6.55 -18.40 2.78
N GLN A 28 -5.56 -19.12 3.32
CA GLN A 28 -4.97 -20.24 2.62
C GLN A 28 -6.02 -21.29 2.29
N GLU A 29 -6.90 -21.56 3.24
CA GLU A 29 -7.99 -22.50 3.05
C GLU A 29 -8.94 -22.03 1.96
N LEU A 30 -9.11 -20.72 1.87
CA LEU A 30 -9.95 -20.12 0.83
C LEU A 30 -9.30 -20.27 -0.54
N LEU A 31 -8.00 -20.00 -0.60
CA LEU A 31 -7.23 -20.17 -1.84
C LEU A 31 -7.23 -21.62 -2.29
N ARG A 32 -7.11 -22.52 -1.32
CA ARG A 32 -7.12 -23.95 -1.58
C ARG A 32 -8.45 -24.39 -2.18
N ALA A 33 -9.53 -23.82 -1.66
CA ALA A 33 -10.88 -24.14 -2.14
C ALA A 33 -11.13 -23.58 -3.53
N ALA A 34 -10.47 -22.47 -3.84
CA ALA A 34 -10.62 -21.83 -5.14
C ALA A 34 -9.92 -22.63 -6.24
N GLN A 35 -8.79 -23.22 -5.89
CA GLN A 35 -8.01 -24.02 -6.83
C GLN A 35 -8.69 -25.35 -7.14
N GLU A 36 -9.46 -25.85 -6.18
CA GLU A 36 -10.15 -27.13 -6.33
C GLU A 36 -11.59 -26.95 -6.80
N PHE A 37 -11.96 -25.69 -7.05
CA PHE A 37 -13.30 -25.34 -7.48
C PHE A 37 -14.38 -25.81 -6.52
N LYS A 38 -14.06 -25.80 -5.23
CA LYS A 38 -15.04 -26.11 -4.20
C LYS A 38 -15.71 -24.83 -3.73
N HIS A 39 -16.62 -24.32 -4.55
CA HIS A 39 -17.25 -23.03 -4.31
C HIS A 39 -18.16 -23.04 -3.09
N ASP A 40 -18.58 -24.22 -2.67
CA ASP A 40 -19.45 -24.35 -1.51
C ASP A 40 -18.69 -24.04 -0.22
N SER A 41 -17.37 -23.98 -0.31
CA SER A 41 -16.52 -23.68 0.84
C SER A 41 -16.24 -22.19 0.96
N PHE A 42 -16.65 -21.43 -0.05
CA PHE A 42 -16.37 -19.99 -0.08
C PHE A 42 -17.03 -19.24 1.09
N VAL A 43 -18.32 -19.48 1.30
CA VAL A 43 -19.05 -18.82 2.38
C VAL A 43 -18.51 -19.16 3.78
N PRO A 44 -18.34 -20.45 4.10
CA PRO A 44 -17.82 -20.71 5.45
C PRO A 44 -16.37 -20.23 5.65
N CYS A 45 -15.60 -20.17 4.56
CA CYS A 45 -14.24 -19.65 4.65
C CYS A 45 -14.24 -18.16 4.95
N SER A 46 -15.15 -17.43 4.30
CA SER A 46 -15.27 -15.99 4.51
C SER A 46 -15.74 -15.68 5.92
N GLU A 47 -16.53 -16.60 6.48
CA GLU A 47 -17.00 -16.46 7.86
C GLU A 47 -15.85 -16.65 8.84
N LYS A 48 -14.99 -17.63 8.56
CA LYS A 48 -13.81 -17.88 9.39
C LYS A 48 -12.84 -16.71 9.29
N ILE A 49 -12.65 -16.23 8.06
CA ILE A 49 -11.74 -15.11 7.81
C ILE A 49 -12.21 -13.83 8.50
N HIS A 50 -13.51 -13.54 8.37
CA HIS A 50 -14.09 -12.35 9.00
C HIS A 50 -13.88 -12.35 10.51
N LEU A 51 -14.09 -13.49 11.14
CA LEU A 51 -13.96 -13.62 12.59
C LEU A 51 -12.50 -13.46 13.01
N ALA A 52 -11.58 -13.99 12.21
CA ALA A 52 -10.15 -13.88 12.49
C ALA A 52 -9.67 -12.45 12.28
N VAL A 53 -10.16 -11.81 11.23
CA VAL A 53 -9.83 -10.42 10.94
C VAL A 53 -10.35 -9.50 12.04
N THR A 54 -11.56 -9.77 12.49
CA THR A 54 -12.18 -8.99 13.57
C THR A 54 -11.34 -9.07 14.84
N GLU A 55 -10.84 -10.25 15.16
CA GLU A 55 -10.02 -10.43 16.36
C GLU A 55 -8.69 -9.70 16.24
N MET A 56 -8.13 -9.66 15.03
CA MET A 56 -6.88 -8.97 14.80
C MET A 56 -7.05 -7.46 14.98
N ALA A 57 -8.15 -6.94 14.46
CA ALA A 57 -8.42 -5.50 14.52
C ALA A 57 -8.72 -5.05 15.95
N SER A 58 -9.12 -5.98 16.80
CA SER A 58 -9.47 -5.67 18.18
C SER A 58 -8.23 -5.28 18.99
N LEU A 59 -7.06 -5.63 18.49
CA LEU A 59 -5.81 -5.27 19.15
C LEU A 59 -5.57 -3.77 19.06
N PHE A 60 -6.02 -3.17 17.96
CA PHE A 60 -5.86 -1.75 17.73
C PHE A 60 -7.12 -1.00 18.17
N PRO A 61 -6.96 0.26 18.59
CA PRO A 61 -8.10 1.09 19.01
C PRO A 61 -9.17 1.21 17.93
N LYS A 62 -10.43 1.35 18.33
CA LYS A 62 -11.52 1.55 17.40
C LYS A 62 -11.30 2.82 16.58
N ARG A 63 -10.87 3.88 17.27
CA ARG A 63 -10.51 5.13 16.62
C ARG A 63 -9.03 5.40 16.83
N PRO A 64 -8.17 4.80 15.98
CA PRO A 64 -6.72 4.89 16.11
C PRO A 64 -6.20 6.32 15.92
N ALA A 65 -5.12 6.66 16.62
CA ALA A 65 -4.57 8.01 16.57
C ALA A 65 -3.75 8.23 15.30
N LEU A 66 -2.85 7.28 15.00
CA LEU A 66 -1.98 7.40 13.84
C LEU A 66 -2.74 7.22 12.53
N GLU A 67 -2.20 7.78 11.46
CA GLU A 67 -2.81 7.68 10.14
C GLU A 67 -2.54 6.34 9.44
N PRO A 68 -1.29 5.83 9.46
CA PRO A 68 -1.07 4.54 8.80
C PRO A 68 -1.89 3.40 9.41
N VAL A 69 -2.09 3.45 10.72
CA VAL A 69 -2.90 2.45 11.41
C VAL A 69 -4.38 2.58 11.01
N ARG A 70 -4.83 3.82 10.92
CA ARG A 70 -6.23 4.11 10.58
C ARG A 70 -6.57 3.64 9.18
N SER A 71 -5.63 3.81 8.25
CA SER A 71 -5.85 3.44 6.86
C SER A 71 -5.77 1.92 6.68
N SER A 72 -4.83 1.29 7.37
CA SER A 72 -4.64 -0.15 7.26
C SER A 72 -5.81 -0.91 7.89
N LEU A 73 -6.31 -0.41 9.02
CA LEU A 73 -7.47 -0.99 9.68
C LEU A 73 -8.70 -0.87 8.80
N ARG A 74 -8.84 0.28 8.14
CA ARG A 74 -9.96 0.53 7.26
C ARG A 74 -9.97 -0.45 6.10
N LEU A 75 -8.80 -0.67 5.51
CA LEU A 75 -8.66 -1.61 4.39
C LEU A 75 -8.90 -3.05 4.86
N LEU A 76 -8.37 -3.37 6.03
CA LEU A 76 -8.49 -4.72 6.58
C LEU A 76 -9.95 -5.10 6.82
N ASN A 77 -10.69 -4.19 7.45
CA ASN A 77 -12.10 -4.43 7.75
C ASN A 77 -12.98 -4.43 6.51
N ALA A 78 -12.76 -3.46 5.64
CA ALA A 78 -13.57 -3.32 4.43
C ALA A 78 -13.38 -4.50 3.48
N SER A 79 -12.15 -4.99 3.38
CA SER A 79 -11.84 -6.12 2.51
C SER A 79 -12.48 -7.39 3.03
N ALA A 80 -12.48 -7.55 4.35
CA ALA A 80 -13.10 -8.70 4.99
C ALA A 80 -14.61 -8.71 4.75
N TYR A 81 -15.22 -7.52 4.87
CA TYR A 81 -16.65 -7.38 4.60
C TYR A 81 -16.92 -7.62 3.11
N ARG A 82 -16.06 -7.07 2.28
CA ARG A 82 -16.20 -7.20 0.82
C ARG A 82 -16.02 -8.65 0.40
N LEU A 83 -15.20 -9.39 1.15
CA LEU A 83 -14.94 -10.79 0.86
C LEU A 83 -16.20 -11.64 0.98
N GLN A 84 -16.83 -11.60 2.15
CA GLN A 84 -18.04 -12.39 2.38
C GLN A 84 -19.23 -11.81 1.61
N SER A 85 -19.08 -10.58 1.13
CA SER A 85 -20.09 -9.99 0.26
C SER A 85 -20.06 -10.70 -1.09
N GLU A 86 -18.85 -10.95 -1.59
CA GLU A 86 -18.67 -11.65 -2.85
C GLU A 86 -18.99 -13.13 -2.71
N CYS A 87 -18.55 -13.73 -1.61
CA CYS A 87 -18.78 -15.14 -1.36
C CYS A 87 -20.26 -15.47 -1.20
N ARG A 88 -21.04 -14.45 -0.81
CA ARG A 88 -22.48 -14.62 -0.64
C ARG A 88 -23.19 -14.84 -1.97
N LYS A 89 -22.51 -14.52 -3.07
CA LYS A 89 -23.07 -14.65 -4.40
C LYS A 89 -23.01 -16.10 -4.90
N THR A 90 -22.43 -16.97 -4.09
CA THR A 90 -22.33 -18.39 -4.46
C THR A 90 -23.66 -19.11 -4.23
N VAL A 91 -24.55 -18.50 -3.46
CA VAL A 91 -25.83 -19.11 -3.15
C VAL A 91 -27.01 -18.20 -3.51
N PRO A 92 -27.61 -18.44 -4.68
CA PRO A 92 -28.85 -17.76 -5.10
C PRO A 92 -30.09 -18.56 -4.73
N PRO A 93 -30.85 -18.07 -3.74
CA PRO A 93 -32.04 -18.76 -3.21
C PRO A 93 -33.08 -19.09 -4.28
N GLU A 94 -33.21 -18.22 -5.28
CA GLU A 94 -34.19 -18.42 -6.35
C GLU A 94 -33.85 -19.65 -7.19
N PRO A 98 -28.45 -18.13 -12.47
CA PRO A 98 -27.18 -18.01 -13.23
C PRO A 98 -26.07 -17.38 -12.39
N VAL A 99 -24.97 -18.10 -12.25
CA VAL A 99 -23.82 -17.62 -11.49
C VAL A 99 -22.52 -17.81 -12.27
N ASP A 100 -21.77 -16.72 -12.44
CA ASP A 100 -20.49 -16.78 -13.12
C ASP A 100 -19.35 -16.90 -12.11
N PHE A 101 -18.83 -18.12 -11.93
CA PHE A 101 -17.80 -18.37 -10.95
C PHE A 101 -16.44 -17.80 -11.34
N GLN A 102 -16.26 -17.57 -12.64
CA GLN A 102 -15.01 -17.01 -13.14
C GLN A 102 -14.84 -15.56 -12.68
N LEU A 103 -15.86 -14.74 -12.94
CA LEU A 103 -15.87 -13.35 -12.51
C LEU A 103 -15.87 -13.26 -10.98
N LEU A 104 -16.56 -14.20 -10.34
CA LEU A 104 -16.72 -14.18 -8.90
C LEU A 104 -15.42 -14.50 -8.16
N THR A 105 -14.74 -15.56 -8.59
CA THR A 105 -13.52 -16.02 -7.94
C THR A 105 -12.41 -14.98 -8.05
N GLN A 106 -12.40 -14.23 -9.15
CA GLN A 106 -11.44 -13.15 -9.34
C GLN A 106 -11.57 -12.10 -8.24
N GLN A 107 -12.81 -11.75 -7.91
CA GLN A 107 -13.08 -10.75 -6.88
C GLN A 107 -12.79 -11.29 -5.49
N VAL A 108 -13.05 -12.57 -5.29
CA VAL A 108 -12.81 -13.21 -3.99
C VAL A 108 -11.33 -13.23 -3.64
N ILE A 109 -10.50 -13.61 -4.61
CA ILE A 109 -9.06 -13.68 -4.41
C ILE A 109 -8.47 -12.29 -4.16
N GLN A 110 -8.95 -11.31 -4.90
CA GLN A 110 -8.47 -9.93 -4.76
C GLN A 110 -8.77 -9.40 -3.36
N CYS A 111 -9.92 -9.78 -2.81
CA CYS A 111 -10.29 -9.39 -1.46
C CYS A 111 -9.35 -10.05 -0.45
N ALA A 112 -9.12 -11.35 -0.63
CA ALA A 112 -8.20 -12.10 0.21
C ALA A 112 -6.80 -11.49 0.17
N TYR A 113 -6.42 -10.99 -1.01
CA TYR A 113 -5.13 -10.32 -1.19
C TYR A 113 -5.10 -9.03 -0.38
N ASP A 114 -6.18 -8.25 -0.48
CA ASP A 114 -6.29 -6.98 0.23
C ASP A 114 -6.25 -7.18 1.74
N ILE A 115 -6.90 -8.25 2.21
CA ILE A 115 -6.87 -8.59 3.62
C ILE A 115 -5.44 -8.90 4.07
N ALA A 116 -4.77 -9.73 3.29
CA ALA A 116 -3.38 -10.10 3.57
C ALA A 116 -2.47 -8.89 3.48
N LYS A 117 -2.75 -8.01 2.53
CA LYS A 117 -1.95 -6.80 2.33
C LYS A 117 -2.07 -5.86 3.53
N ALA A 118 -3.30 -5.65 3.98
CA ALA A 118 -3.55 -4.79 5.13
C ALA A 118 -3.00 -5.41 6.41
N ALA A 119 -2.98 -6.74 6.46
CA ALA A 119 -2.46 -7.46 7.61
C ALA A 119 -0.96 -7.21 7.75
N LYS A 120 -0.25 -7.20 6.63
CA LYS A 120 1.19 -6.97 6.63
C LYS A 120 1.51 -5.54 7.03
N GLN A 121 0.73 -4.60 6.50
CA GLN A 121 0.92 -3.18 6.82
C GLN A 121 0.78 -2.92 8.31
N LEU A 122 -0.12 -3.68 8.95
CA LEU A 122 -0.33 -3.57 10.38
C LEU A 122 0.85 -4.18 11.16
N VAL A 123 1.38 -5.28 10.67
CA VAL A 123 2.55 -5.90 11.28
C VAL A 123 3.75 -4.99 11.16
N THR A 124 3.91 -4.40 9.97
CA THR A 124 5.06 -3.56 9.66
C THR A 124 5.13 -2.32 10.55
N ILE A 125 4.02 -1.61 10.68
CA ILE A 125 3.98 -0.39 11.49
C ILE A 125 4.17 -0.71 12.97
N THR A 126 3.86 -1.94 13.35
CA THR A 126 3.98 -2.37 14.74
C THR A 126 5.43 -2.74 15.06
N THR A 127 6.12 -3.31 14.07
CA THR A 127 7.51 -3.71 14.25
C THR A 127 8.43 -2.53 14.48
N ARG A 128 8.17 -1.44 13.75
CA ARG A 128 9.00 -0.24 13.88
C ARG A 128 8.82 0.41 15.24
N GLU A 129 7.66 0.23 15.84
CA GLU A 129 7.38 0.79 17.16
C GLU A 129 7.87 -0.14 18.27
N LYS A 130 8.52 -1.22 17.87
CA LYS A 130 9.06 -2.19 18.82
C LYS A 130 10.58 -2.23 18.77
N SER B 12 12.10 -6.74 -14.48
CA SER B 12 10.85 -7.02 -15.16
C SER B 12 9.85 -5.88 -14.98
N THR B 13 8.80 -5.87 -15.78
CA THR B 13 7.78 -4.84 -15.70
C THR B 13 6.94 -5.02 -14.44
N GLU B 14 6.70 -6.27 -14.06
CA GLU B 14 5.90 -6.58 -12.88
C GLU B 14 6.57 -6.10 -11.59
N ASP B 15 7.89 -6.24 -11.53
CA ASP B 15 8.65 -5.84 -10.35
C ASP B 15 8.71 -4.32 -10.20
N VAL B 16 8.78 -3.62 -11.33
CA VAL B 16 8.82 -2.16 -11.32
C VAL B 16 7.53 -1.58 -10.76
N ILE B 17 6.40 -2.08 -11.24
CA ILE B 17 5.09 -1.64 -10.76
C ILE B 17 4.92 -1.93 -9.28
N LEU B 18 5.34 -3.12 -8.87
CA LEU B 18 5.27 -3.54 -7.47
C LEU B 18 6.08 -2.60 -6.58
N LYS B 19 7.20 -2.12 -7.11
CA LYS B 19 8.02 -1.16 -6.38
C LYS B 19 7.43 0.24 -6.49
N THR B 20 6.83 0.53 -7.65
CA THR B 20 6.21 1.83 -7.89
C THR B 20 4.99 2.05 -7.00
N GLU B 21 4.17 1.02 -6.85
CA GLU B 21 2.99 1.07 -6.00
C GLU B 21 3.34 1.45 -4.57
N GLN B 22 4.49 0.96 -4.11
CA GLN B 22 4.95 1.24 -2.75
C GLN B 22 5.53 2.65 -2.66
N VAL B 23 6.04 3.16 -3.78
CA VAL B 23 6.55 4.52 -3.83
C VAL B 23 5.40 5.51 -3.75
N THR B 24 4.34 5.24 -4.51
CA THR B 24 3.16 6.10 -4.51
C THR B 24 2.49 6.13 -3.14
N LYS B 25 2.41 4.96 -2.51
CA LYS B 25 1.80 4.83 -1.19
C LYS B 25 2.52 5.67 -0.15
N ASN B 26 3.85 5.69 -0.22
CA ASN B 26 4.65 6.47 0.70
C ASN B 26 4.51 7.96 0.44
N ILE B 27 4.34 8.32 -0.83
CA ILE B 27 4.06 9.70 -1.19
C ILE B 27 2.64 10.05 -0.75
N GLN B 28 1.73 9.09 -0.91
CA GLN B 28 0.35 9.25 -0.47
C GLN B 28 0.28 9.48 1.04
N GLU B 29 1.15 8.77 1.77
CA GLU B 29 1.22 8.91 3.22
C GLU B 29 1.73 10.28 3.61
N LEU B 30 2.65 10.82 2.80
CA LEU B 30 3.19 12.15 3.04
C LEU B 30 2.13 13.21 2.83
N LEU B 31 1.30 13.02 1.80
CA LEU B 31 0.23 13.97 1.49
C LEU B 31 -0.76 14.07 2.64
N ARG B 32 -1.21 12.91 3.15
CA ARG B 32 -2.15 12.88 4.26
C ARG B 32 -1.54 13.47 5.53
N ALA B 33 -0.21 13.34 5.65
CA ALA B 33 0.49 13.95 6.77
C ALA B 33 0.43 15.47 6.66
N ALA B 34 0.62 15.98 5.45
CA ALA B 34 0.55 17.41 5.20
C ALA B 34 -0.87 17.92 5.34
N GLN B 35 -1.84 17.06 5.04
CA GLN B 35 -3.25 17.42 5.13
C GLN B 35 -3.72 17.50 6.58
N GLU B 36 -2.99 16.83 7.47
CA GLU B 36 -3.35 16.81 8.89
C GLU B 36 -2.38 17.64 9.72
N PHE B 37 -1.55 18.42 9.04
CA PHE B 37 -0.58 19.31 9.69
C PHE B 37 0.37 18.58 10.63
N LYS B 38 0.76 17.36 10.26
CA LYS B 38 1.71 16.59 11.03
C LYS B 38 3.12 16.73 10.44
N HIS B 39 3.79 17.82 10.80
CA HIS B 39 5.07 18.18 10.21
C HIS B 39 6.22 17.30 10.69
N ASP B 40 6.05 16.68 11.85
CA ASP B 40 7.10 15.84 12.42
C ASP B 40 7.16 14.49 11.70
N SER B 41 6.23 14.28 10.78
CA SER B 41 6.19 13.05 10.00
C SER B 41 6.81 13.23 8.62
N PHE B 42 7.18 14.48 8.29
CA PHE B 42 7.76 14.79 6.99
C PHE B 42 9.10 14.09 6.79
N VAL B 43 9.95 14.14 7.81
CA VAL B 43 11.29 13.53 7.72
C VAL B 43 11.25 12.00 7.57
N PRO B 44 10.51 11.29 8.45
CA PRO B 44 10.52 9.84 8.26
C PRO B 44 9.84 9.40 6.96
N CYS B 45 8.85 10.16 6.51
CA CYS B 45 8.22 9.89 5.22
C CYS B 45 9.21 10.12 4.08
N SER B 46 10.02 11.17 4.22
CA SER B 46 11.04 11.48 3.23
C SER B 46 12.06 10.36 3.12
N GLU B 47 12.47 9.84 4.27
CA GLU B 47 13.38 8.70 4.31
C GLU B 47 12.72 7.46 3.74
N LYS B 48 11.43 7.32 4.03
CA LYS B 48 10.65 6.19 3.53
C LYS B 48 10.53 6.24 2.01
N ILE B 49 10.21 7.43 1.48
CA ILE B 49 10.10 7.62 0.04
C ILE B 49 11.47 7.45 -0.62
N HIS B 50 12.51 7.94 0.04
CA HIS B 50 13.86 7.84 -0.48
C HIS B 50 14.30 6.40 -0.73
N LEU B 51 14.15 5.56 0.29
CA LEU B 51 14.54 4.16 0.19
C LEU B 51 13.62 3.41 -0.78
N ALA B 52 12.38 3.86 -0.88
CA ALA B 52 11.41 3.26 -1.79
C ALA B 52 11.77 3.59 -3.23
N VAL B 53 12.19 4.83 -3.46
CA VAL B 53 12.66 5.26 -4.78
C VAL B 53 13.93 4.50 -5.15
N THR B 54 14.86 4.42 -4.19
CA THR B 54 16.11 3.69 -4.39
C THR B 54 15.85 2.22 -4.69
N GLU B 55 14.88 1.64 -3.98
CA GLU B 55 14.49 0.25 -4.22
C GLU B 55 13.89 0.11 -5.62
N MET B 56 13.23 1.16 -6.09
CA MET B 56 12.67 1.19 -7.44
C MET B 56 13.77 1.53 -8.45
N ALA B 57 14.68 2.40 -8.06
CA ALA B 57 15.77 2.80 -8.93
C ALA B 57 16.76 1.66 -9.16
N SER B 58 16.72 0.66 -8.28
CA SER B 58 17.58 -0.51 -8.42
C SER B 58 17.13 -1.38 -9.59
N LEU B 59 15.88 -1.22 -9.99
CA LEU B 59 15.34 -1.93 -11.14
C LEU B 59 15.94 -1.39 -12.43
N PHE B 60 16.33 -0.12 -12.40
CA PHE B 60 17.00 0.51 -13.53
C PHE B 60 18.51 0.39 -13.37
N PRO B 61 19.20 0.04 -14.47
CA PRO B 61 20.66 -0.16 -14.46
C PRO B 61 21.42 1.11 -14.06
N LYS B 62 22.58 0.93 -13.43
CA LYS B 62 23.44 2.07 -13.10
C LYS B 62 24.07 2.61 -14.37
N ARG B 63 24.12 1.76 -15.40
CA ARG B 63 24.57 2.16 -16.72
C ARG B 63 23.47 1.94 -17.75
N PRO B 64 22.51 2.87 -17.82
CA PRO B 64 21.37 2.76 -18.74
C PRO B 64 21.79 2.65 -20.21
N ALA B 65 20.97 1.98 -21.02
CA ALA B 65 21.28 1.78 -22.42
C ALA B 65 20.70 2.90 -23.29
N LEU B 66 19.60 3.47 -22.82
CA LEU B 66 18.93 4.53 -23.57
C LEU B 66 19.36 5.92 -23.10
N GLU B 67 18.99 6.94 -23.86
CA GLU B 67 19.37 8.32 -23.56
C GLU B 67 18.31 9.09 -22.76
N PRO B 68 17.01 8.99 -23.14
CA PRO B 68 16.05 9.73 -22.32
C PRO B 68 15.91 9.21 -20.89
N VAL B 69 16.30 7.96 -20.67
CA VAL B 69 16.25 7.36 -19.34
C VAL B 69 17.19 8.10 -18.39
N ARG B 70 18.31 8.56 -18.93
CA ARG B 70 19.29 9.32 -18.16
C ARG B 70 18.67 10.57 -17.56
N SER B 71 17.73 11.16 -18.28
CA SER B 71 17.07 12.39 -17.85
C SER B 71 16.09 12.13 -16.73
N SER B 72 15.20 11.16 -16.92
CA SER B 72 14.16 10.86 -15.95
C SER B 72 14.73 10.30 -14.65
N LEU B 73 15.77 9.48 -14.76
CA LEU B 73 16.45 8.95 -13.58
C LEU B 73 17.18 10.05 -12.83
N ARG B 74 17.71 11.01 -13.57
CA ARG B 74 18.36 12.17 -12.96
C ARG B 74 17.34 13.03 -12.23
N LEU B 75 16.14 13.11 -12.80
CA LEU B 75 15.06 13.88 -12.19
C LEU B 75 14.48 13.15 -10.98
N LEU B 76 14.30 11.84 -11.13
CA LEU B 76 13.74 11.02 -10.06
C LEU B 76 14.61 11.05 -8.80
N ASN B 77 15.91 10.83 -8.99
CA ASN B 77 16.84 10.81 -7.86
C ASN B 77 17.03 12.19 -7.24
N ALA B 78 17.10 13.23 -8.07
CA ALA B 78 17.29 14.58 -7.58
C ALA B 78 16.06 15.06 -6.80
N SER B 79 14.88 14.69 -7.29
CA SER B 79 13.64 15.05 -6.64
C SER B 79 13.46 14.28 -5.33
N ALA B 80 13.88 13.02 -5.34
CA ALA B 80 13.85 12.19 -4.14
C ALA B 80 14.84 12.73 -3.11
N TYR B 81 15.94 13.27 -3.60
CA TYR B 81 16.94 13.87 -2.72
C TYR B 81 16.48 15.24 -2.22
N ARG B 82 15.94 16.04 -3.13
CA ARG B 82 15.49 17.38 -2.80
C ARG B 82 14.35 17.36 -1.78
N LEU B 83 13.56 16.29 -1.82
CA LEU B 83 12.42 16.13 -0.91
C LEU B 83 12.88 16.07 0.55
N GLN B 84 13.80 15.17 0.84
CA GLN B 84 14.28 15.00 2.22
C GLN B 84 15.15 16.18 2.66
N SER B 85 15.67 16.94 1.70
CA SER B 85 16.40 18.17 2.03
C SER B 85 15.42 19.22 2.54
N GLU B 86 14.26 19.30 1.90
CA GLU B 86 13.22 20.24 2.31
C GLU B 86 12.50 19.75 3.56
N CYS B 87 12.37 18.44 3.69
CA CYS B 87 11.73 17.85 4.86
C CYS B 87 12.61 17.99 6.10
N ARG B 88 13.91 18.09 5.89
CA ARG B 88 14.87 18.20 6.99
C ARG B 88 14.76 19.55 7.72
N LYS B 89 13.98 20.47 7.14
CA LYS B 89 13.83 21.80 7.72
C LYS B 89 12.69 21.84 8.73
N THR B 90 11.99 20.72 8.88
CA THR B 90 10.91 20.63 9.85
C THR B 90 11.45 20.55 11.27
N VAL B 91 12.68 20.05 11.39
CA VAL B 91 13.32 19.91 12.70
C VAL B 91 14.55 20.81 12.81
N PRO B 92 14.40 21.92 13.55
CA PRO B 92 15.51 22.83 13.84
C PRO B 92 16.26 22.43 15.12
N PRO B 93 17.58 22.70 15.17
CA PRO B 93 18.42 22.36 16.32
C PRO B 93 18.06 23.14 17.58
N GLU B 94 17.14 24.09 17.48
CA GLU B 94 16.73 24.88 18.63
C GLU B 94 15.23 24.72 18.91
N PRO B 98 12.07 30.17 14.31
CA PRO B 98 10.95 30.62 13.50
C PRO B 98 10.77 29.79 12.23
N VAL B 99 9.88 28.80 12.27
CA VAL B 99 9.65 27.93 11.14
C VAL B 99 8.33 28.28 10.43
N ASP B 100 8.41 28.52 9.13
CA ASP B 100 7.22 28.80 8.33
C ASP B 100 6.72 27.54 7.66
N PHE B 101 5.77 26.85 8.32
CA PHE B 101 5.29 25.56 7.84
C PHE B 101 4.44 25.67 6.58
N GLN B 102 3.92 26.87 6.32
CA GLN B 102 3.11 27.09 5.12
C GLN B 102 3.98 27.05 3.87
N LEU B 103 5.03 27.87 3.87
CA LEU B 103 5.99 27.90 2.77
C LEU B 103 6.71 26.56 2.65
N LEU B 104 6.97 25.94 3.80
CA LEU B 104 7.67 24.66 3.84
C LEU B 104 6.86 23.54 3.20
N THR B 105 5.57 23.47 3.53
CA THR B 105 4.68 22.44 3.00
C THR B 105 4.57 22.56 1.49
N GLN B 106 4.60 23.80 0.99
CA GLN B 106 4.53 24.06 -0.44
C GLN B 106 5.65 23.37 -1.20
N GLN B 107 6.86 23.46 -0.67
CA GLN B 107 8.03 22.86 -1.30
C GLN B 107 8.02 21.34 -1.20
N VAL B 108 7.63 20.82 -0.03
CA VAL B 108 7.53 19.39 0.18
C VAL B 108 6.57 18.74 -0.81
N ILE B 109 5.40 19.35 -0.97
CA ILE B 109 4.40 18.86 -1.91
C ILE B 109 4.91 18.93 -3.35
N GLN B 110 5.58 20.03 -3.68
CA GLN B 110 6.15 20.22 -5.01
C GLN B 110 7.18 19.15 -5.32
N CYS B 111 8.05 18.86 -4.35
CA CYS B 111 9.06 17.83 -4.49
C CYS B 111 8.42 16.47 -4.68
N ALA B 112 7.36 16.20 -3.91
CA ALA B 112 6.61 14.96 -4.03
C ALA B 112 6.00 14.83 -5.41
N TYR B 113 5.49 15.94 -5.92
CA TYR B 113 4.90 15.98 -7.26
C TYR B 113 5.95 15.66 -8.32
N ASP B 114 7.13 16.24 -8.17
CA ASP B 114 8.22 16.02 -9.11
C ASP B 114 8.67 14.57 -9.12
N ILE B 115 8.67 13.94 -7.95
CA ILE B 115 8.99 12.53 -7.84
C ILE B 115 7.96 11.69 -8.58
N ALA B 116 6.69 11.97 -8.31
CA ALA B 116 5.59 11.26 -8.95
C ALA B 116 5.60 11.49 -10.47
N LYS B 117 5.94 12.70 -10.86
CA LYS B 117 6.02 13.04 -12.28
C LYS B 117 7.14 12.27 -12.97
N ALA B 118 8.30 12.24 -12.33
CA ALA B 118 9.45 11.51 -12.86
C ALA B 118 9.20 10.00 -12.83
N ALA B 119 8.41 9.55 -11.85
CA ALA B 119 8.08 8.14 -11.72
C ALA B 119 7.23 7.68 -12.89
N LYS B 120 6.25 8.49 -13.27
CA LYS B 120 5.38 8.17 -14.39
C LYS B 120 6.16 8.12 -15.70
N GLN B 121 7.12 9.03 -15.85
CA GLN B 121 7.94 9.09 -17.05
C GLN B 121 8.74 7.80 -17.24
N LEU B 122 9.19 7.22 -16.13
CA LEU B 122 9.95 5.98 -16.17
C LEU B 122 9.06 4.78 -16.48
N VAL B 123 7.88 4.76 -15.89
CA VAL B 123 6.93 3.67 -16.08
C VAL B 123 6.42 3.62 -17.52
N THR B 124 6.20 4.81 -18.09
CA THR B 124 5.65 4.92 -19.45
C THR B 124 6.52 4.26 -20.52
N ILE B 125 7.81 4.59 -20.53
CA ILE B 125 8.71 4.13 -21.57
C ILE B 125 8.99 2.62 -21.50
N THR B 126 8.89 2.05 -20.30
CA THR B 126 9.13 0.63 -20.13
C THR B 126 8.01 -0.20 -20.76
N THR B 127 6.79 0.33 -20.69
CA THR B 127 5.62 -0.35 -21.24
C THR B 127 5.73 -0.51 -22.76
N SER C 7 -3.68 1.72 -15.21
CA SER C 7 -3.73 1.06 -13.90
C SER C 7 -2.87 1.81 -12.89
N ALA C 8 -1.60 1.45 -12.80
CA ALA C 8 -0.67 2.12 -11.89
C ALA C 8 -0.41 3.54 -12.39
N THR C 9 -0.49 3.73 -13.70
CA THR C 9 -0.35 5.04 -14.31
C THR C 9 -1.48 5.95 -13.87
N ARG C 10 -2.68 5.38 -13.81
CA ARG C 10 -3.87 6.12 -13.36
C ARG C 10 -3.72 6.53 -11.90
N GLU C 11 -3.18 5.63 -11.09
CA GLU C 11 -2.94 5.91 -9.68
C GLU C 11 -1.92 7.04 -9.52
N LEU C 12 -0.93 7.05 -10.40
CA LEU C 12 0.07 8.12 -10.42
C LEU C 12 -0.58 9.45 -10.78
N ASP C 13 -1.42 9.43 -11.82
CA ASP C 13 -2.11 10.63 -12.28
C ASP C 13 -3.04 11.19 -11.21
N GLU C 14 -3.75 10.30 -10.52
CA GLU C 14 -4.65 10.71 -9.44
C GLU C 14 -3.85 11.26 -8.26
N LEU C 15 -2.67 10.72 -8.04
CA LEU C 15 -1.79 11.19 -6.98
C LEU C 15 -1.23 12.56 -7.30
N MET C 16 -0.75 12.73 -8.54
CA MET C 16 -0.23 14.00 -8.99
C MET C 16 -1.31 15.08 -8.97
N ALA C 17 -2.52 14.69 -9.35
CA ALA C 17 -3.66 15.60 -9.33
C ALA C 17 -4.01 15.99 -7.90
N SER C 18 -3.90 15.03 -6.98
CA SER C 18 -4.19 15.27 -5.57
C SER C 18 -3.12 16.17 -4.94
N LEU C 19 -1.87 15.95 -5.31
CA LEU C 19 -0.76 16.74 -4.80
C LEU C 19 -0.87 18.20 -5.22
N SER C 20 -1.10 18.42 -6.51
CA SER C 20 -1.25 19.77 -7.03
C SER C 20 -2.47 20.47 -6.45
N ASP C 21 -3.58 19.73 -6.36
CA ASP C 21 -4.82 20.28 -5.83
C ASP C 21 -4.66 20.74 -4.40
N PHE C 22 -3.93 19.96 -3.60
CA PHE C 22 -3.69 20.32 -2.20
C PHE C 22 -2.76 21.52 -2.09
N LYS C 23 -1.81 21.61 -3.02
CA LYS C 23 -0.82 22.69 -2.97
C LYS C 23 -1.47 24.06 -3.10
N PHE C 24 -2.44 24.16 -4.00
CA PHE C 24 -3.13 25.43 -4.22
C PHE C 24 -4.21 25.70 -3.19
N MET C 25 -4.72 24.63 -2.58
CA MET C 25 -5.64 24.77 -1.46
C MET C 25 -4.90 25.35 -0.26
N ALA C 26 -3.70 24.83 -0.01
CA ALA C 26 -2.86 25.31 1.06
C ALA C 26 -2.39 26.73 0.78
N GLN C 27 -2.28 27.05 -0.51
CA GLN C 27 -1.89 28.40 -0.92
C GLN C 27 -3.04 29.39 -0.75
N GLY C 28 -4.26 28.90 -0.95
CA GLY C 28 -5.44 29.73 -0.84
C GLY C 28 -5.75 30.13 0.59
N SER D 7 10.77 -13.47 9.03
CA SER D 7 10.27 -14.78 9.43
C SER D 7 8.75 -14.85 9.25
N ALA D 8 8.02 -14.17 10.14
CA ALA D 8 6.57 -14.14 10.06
C ALA D 8 6.09 -13.26 8.91
N THR D 9 6.86 -12.21 8.64
CA THR D 9 6.56 -11.30 7.53
C THR D 9 6.69 -12.04 6.20
N ARG D 10 7.63 -12.97 6.14
CA ARG D 10 7.90 -13.74 4.93
C ARG D 10 6.73 -14.66 4.56
N GLU D 11 6.17 -15.34 5.56
CA GLU D 11 5.09 -16.29 5.33
C GLU D 11 3.85 -15.58 4.79
N LEU D 12 3.62 -14.36 5.26
CA LEU D 12 2.51 -13.56 4.77
C LEU D 12 2.79 -13.07 3.35
N ASP D 13 4.06 -12.81 3.07
CA ASP D 13 4.47 -12.43 1.73
C ASP D 13 4.33 -13.61 0.77
N GLU D 14 4.50 -14.81 1.31
CA GLU D 14 4.34 -16.03 0.52
C GLU D 14 2.88 -16.23 0.13
N LEU D 15 1.98 -15.90 1.05
CA LEU D 15 0.55 -16.01 0.80
C LEU D 15 0.10 -14.98 -0.23
N MET D 16 0.53 -13.74 -0.06
CA MET D 16 0.20 -12.66 -0.99
C MET D 16 0.70 -12.99 -2.39
N ALA D 17 1.91 -13.56 -2.46
CA ALA D 17 2.49 -13.97 -3.73
C ALA D 17 1.67 -15.10 -4.34
N SER D 18 1.20 -16.01 -3.48
CA SER D 18 0.40 -17.14 -3.93
C SER D 18 -0.97 -16.69 -4.45
N LEU D 19 -1.55 -15.71 -3.76
CA LEU D 19 -2.85 -15.17 -4.16
C LEU D 19 -2.75 -14.43 -5.50
N SER D 20 -1.69 -13.64 -5.64
CA SER D 20 -1.45 -12.91 -6.88
C SER D 20 -1.09 -13.85 -8.01
N ASP D 21 -0.39 -14.93 -7.69
CA ASP D 21 -0.02 -15.93 -8.67
C ASP D 21 -1.24 -16.67 -9.19
N PHE D 22 -2.20 -16.93 -8.30
CA PHE D 22 -3.43 -17.62 -8.67
C PHE D 22 -4.33 -16.73 -9.52
N LYS D 23 -4.27 -15.42 -9.29
CA LYS D 23 -5.13 -14.49 -10.01
C LYS D 23 -4.80 -14.49 -11.51
N PHE D 24 -3.52 -14.69 -11.82
CA PHE D 24 -3.09 -14.75 -13.22
C PHE D 24 -3.57 -16.02 -13.90
N MET D 25 -3.77 -17.06 -13.11
CA MET D 25 -4.18 -18.37 -13.62
C MET D 25 -5.61 -18.33 -14.16
N ALA D 26 -6.42 -17.43 -13.59
CA ALA D 26 -7.80 -17.28 -14.00
C ALA D 26 -7.95 -16.18 -15.06
N GLN D 27 -6.87 -15.46 -15.32
CA GLN D 27 -6.86 -14.42 -16.32
C GLN D 27 -6.54 -14.98 -17.71
#